data_7BQO
#
_entry.id   7BQO
#
_cell.length_a   97.113
_cell.length_b   145.917
_cell.length_c   90.061
_cell.angle_alpha   90.000
_cell.angle_beta   90.000
_cell.angle_gamma   90.000
#
_symmetry.space_group_name_H-M   'C 2 2 21'
#
loop_
_entity.id
_entity.type
_entity.pdbx_description
1 polymer HpiI
2 non-polymer 3-[(E,2S,4S)-2,4-dimethyloct-6-enoyl]-4-oxidanyl-1H-pyridin-2-one
3 non-polymer IMIDAZOLE
4 non-polymer GLYCEROL
5 non-polymer 2-[3-(2-HYDROXY-1,1-DIHYDROXYMETHYL-ETHYLAMINO)-PROPYLAMINO]-2-HYDROXYMETHYL-PROPANE-1,3-DIOL
6 water water
#
_entity_poly.entity_id   1
_entity_poly.type   'polypeptide(L)'
_entity_poly.pdbx_seq_one_letter_code
;MATISNLASDIQSQVDVIDSYLKKHNLQQPSFEVDSPSELPLDANVQRARLKLIETATSLANLAIGSADHLRWHCMNNKY
DDMVLHFLARYNIFDAVPRNESISYVELSQKIGLPEHRLRRIMSMAYTRHLFCEPKPGFVAHTSNSALAINDPLAMAWIL
HNVEEVQPWYANKLVDSTKKWGDTTDPRHTGPNLNAKAGEEKLFYQIMEEDDQGEWNGVKGKGFRLWRLFDTDKFFGTGG
AIKGTNMLRAFDWGKLGKATVVDLSGITGHLSSTVALAYPDLTFIVQERNQSWLEKQFNDKLPAELKGSGRVRFMAHDKY
AQQPVKDVDVFFMSTMLHKEPDEKAITILRHCAEAMDPKKSRIVTRDIVLDGGDPPAEDALESGKGINGKNEVYQAGLGP
TGVITRLNAGIDLQMLAVLNAFERTREDWITLFKTADPRFVLKACIQTVGDCASVMEWVLEEE
;
_entity_poly.pdbx_strand_id   A
#
loop_
_chem_comp.id
_chem_comp.type
_chem_comp.name
_chem_comp.formula
B3P non-polymer 2-[3-(2-HYDROXY-1,1-DIHYDROXYMETHYL-ETHYLAMINO)-PROPYLAMINO]-2-HYDROXYMETHYL-PROPANE-1,3-DIOL 'C11 H26 N2 O6'
F56 non-polymer 3-[(E,2S,4S)-2,4-dimethyloct-6-enoyl]-4-oxidanyl-1H-pyridin-2-one 'C15 H21 N O3'
GOL non-polymer GLYCEROL 'C3 H8 O3'
IMD non-polymer IMIDAZOLE 'C3 H5 N2 1'
#
# COMPACT_ATOMS: atom_id res chain seq x y z
N ALA A 2 8.38 25.67 16.66
CA ALA A 2 8.20 26.09 15.27
C ALA A 2 7.74 27.55 15.21
N THR A 3 8.32 28.31 14.29
CA THR A 3 7.82 29.61 13.87
C THR A 3 7.67 29.55 12.37
N ILE A 4 6.88 30.48 11.85
CA ILE A 4 6.73 30.53 10.39
C ILE A 4 8.07 30.80 9.72
N SER A 5 8.92 31.64 10.30
CA SER A 5 10.23 31.89 9.69
C SER A 5 11.14 30.69 9.68
N ASN A 6 11.19 29.93 10.79
CA ASN A 6 12.08 28.77 10.83
C ASN A 6 11.57 27.69 9.91
N LEU A 7 10.25 27.51 9.82
CA LEU A 7 9.74 26.53 8.87
C LEU A 7 10.09 26.95 7.46
N ALA A 8 9.98 28.25 7.14
CA ALA A 8 10.31 28.69 5.78
C ALA A 8 11.78 28.47 5.48
N SER A 9 12.63 28.71 6.47
CA SER A 9 14.06 28.46 6.29
C SER A 9 14.33 26.99 6.02
N ASP A 10 13.71 26.11 6.80
CA ASP A 10 13.90 24.66 6.60
C ASP A 10 13.40 24.24 5.22
N ILE A 11 12.27 24.79 4.77
CA ILE A 11 11.78 24.49 3.42
C ILE A 11 12.86 24.86 2.40
N GLN A 12 13.41 26.08 2.50
CA GLN A 12 14.42 26.49 1.52
C GLN A 12 15.59 25.52 1.51
N SER A 13 16.04 25.08 2.69
CA SER A 13 17.19 24.13 2.75
C SER A 13 16.86 22.81 2.08
N GLN A 14 15.63 22.30 2.30
CA GLN A 14 15.25 21.00 1.73
C GLN A 14 15.05 21.13 0.22
N VAL A 15 14.41 22.22 -0.22
CA VAL A 15 14.25 22.45 -1.65
C VAL A 15 15.62 22.57 -2.31
N ASP A 16 16.56 23.26 -1.66
CA ASP A 16 17.87 23.43 -2.29
C ASP A 16 18.55 22.09 -2.53
N VAL A 17 18.43 21.16 -1.58
CA VAL A 17 19.01 19.82 -1.74
C VAL A 17 18.42 19.16 -2.97
N ILE A 18 17.09 19.21 -3.07
CA ILE A 18 16.40 18.47 -4.15
C ILE A 18 16.69 19.13 -5.48
N ASP A 19 16.52 20.45 -5.56
CA ASP A 19 16.71 21.19 -6.81
C ASP A 19 18.15 21.09 -7.28
N SER A 20 19.10 21.11 -6.37
CA SER A 20 20.51 21.00 -6.79
C SER A 20 20.79 19.66 -7.43
N TYR A 21 20.23 18.59 -6.85
CA TYR A 21 20.40 17.25 -7.38
C TYR A 21 19.74 17.12 -8.76
N LEU A 22 18.51 17.61 -8.89
CA LEU A 22 17.83 17.51 -10.18
C LEU A 22 18.64 18.22 -11.26
N LYS A 23 19.13 19.43 -10.96
CA LYS A 23 19.88 20.18 -11.98
C LYS A 23 21.22 19.51 -12.28
N LYS A 24 21.91 18.99 -11.27
CA LYS A 24 23.21 18.33 -11.47
C LYS A 24 23.08 17.15 -12.42
N HIS A 25 21.97 16.42 -12.32
CA HIS A 25 21.80 15.17 -13.04
C HIS A 25 20.82 15.27 -14.19
N ASN A 26 20.54 16.50 -14.62
CA ASN A 26 19.69 16.74 -15.80
C ASN A 26 18.37 16.01 -15.70
N LEU A 27 17.80 16.02 -14.48
CA LEU A 27 16.51 15.38 -14.27
C LEU A 27 15.36 16.38 -14.39
N GLN A 28 14.23 15.88 -14.87
CA GLN A 28 13.02 16.70 -14.99
C GLN A 28 12.57 17.23 -13.63
N GLN A 29 12.14 18.51 -13.63
CA GLN A 29 11.52 19.10 -12.42
C GLN A 29 10.09 18.59 -12.28
N PRO A 30 9.68 18.19 -11.09
CA PRO A 30 8.25 17.93 -10.87
C PRO A 30 7.43 19.20 -11.07
N SER A 31 6.18 19.00 -11.51
CA SER A 31 5.24 20.09 -11.68
C SER A 31 3.85 19.49 -11.53
N PHE A 32 2.84 20.29 -11.82
CA PHE A 32 1.48 19.74 -11.90
C PHE A 32 1.04 19.48 -13.31
N GLU A 33 1.97 19.62 -14.28
CA GLU A 33 1.59 19.27 -15.64
C GLU A 33 1.37 17.75 -15.77
N VAL A 34 0.62 17.39 -16.79
CA VAL A 34 0.29 15.99 -17.06
C VAL A 34 1.53 15.09 -17.16
N ASP A 35 2.60 15.56 -17.84
CA ASP A 35 3.76 14.70 -17.98
C ASP A 35 4.87 15.02 -17.01
N SER A 36 4.54 15.60 -15.85
CA SER A 36 5.51 15.68 -14.77
C SER A 36 6.04 14.29 -14.41
N PRO A 37 7.30 14.16 -14.01
CA PRO A 37 7.71 12.93 -13.34
C PRO A 37 6.78 12.67 -12.16
N SER A 38 6.56 11.37 -11.88
CA SER A 38 5.57 11.02 -10.84
C SER A 38 6.22 10.88 -9.49
N GLU A 39 7.55 11.00 -9.42
CA GLU A 39 8.31 10.79 -8.20
C GLU A 39 9.63 11.52 -8.38
N LEU A 40 10.35 11.70 -7.27
CA LEU A 40 11.69 12.23 -7.21
C LEU A 40 12.68 11.08 -7.17
N PRO A 41 13.96 11.36 -7.42
CA PRO A 41 14.97 10.29 -7.39
C PRO A 41 15.01 9.52 -6.10
N LEU A 42 15.36 8.24 -6.21
CA LEU A 42 15.46 7.39 -5.01
C LEU A 42 16.77 7.55 -4.26
N ASP A 43 17.70 8.40 -4.74
CA ASP A 43 18.86 8.80 -3.95
C ASP A 43 18.46 9.07 -2.53
N ALA A 44 19.16 8.44 -1.57
CA ALA A 44 18.70 8.53 -0.18
C ALA A 44 18.69 9.95 0.35
N ASN A 45 19.68 10.78 0.02
CA ASN A 45 19.66 12.15 0.53
C ASN A 45 18.55 12.97 -0.12
N VAL A 46 18.24 12.70 -1.38
CA VAL A 46 17.10 13.38 -2.00
C VAL A 46 15.81 12.97 -1.29
N GLN A 47 15.65 11.68 -1.04
CA GLN A 47 14.41 11.20 -0.44
C GLN A 47 14.33 11.71 0.98
N ARG A 48 15.46 11.82 1.67
CA ARG A 48 15.48 12.35 3.02
C ARG A 48 14.97 13.80 3.01
N ALA A 49 15.41 14.58 2.02
CA ALA A 49 15.00 15.97 1.88
C ALA A 49 13.52 16.04 1.50
N ARG A 50 13.08 15.14 0.60
CA ARG A 50 11.67 15.13 0.21
C ARG A 50 10.78 14.85 1.42
N LEU A 51 11.11 13.84 2.22
CA LEU A 51 10.23 13.50 3.34
C LEU A 51 10.17 14.66 4.33
N LYS A 52 11.34 15.29 4.58
CA LYS A 52 11.34 16.44 5.47
C LYS A 52 10.58 17.61 4.87
N LEU A 53 10.70 17.84 3.56
CA LEU A 53 10.00 18.93 2.91
C LEU A 53 8.50 18.75 3.02
N ILE A 54 8.00 17.53 2.78
CA ILE A 54 6.55 17.33 2.89
C ILE A 54 6.10 17.71 4.27
N GLU A 55 6.82 17.21 5.29
CA GLU A 55 6.47 17.46 6.68
C GLU A 55 6.56 18.95 7.03
N THR A 56 7.61 19.62 6.57
CA THR A 56 7.79 21.03 6.95
C THR A 56 6.75 21.91 6.24
N ALA A 57 6.46 21.62 4.95
CA ALA A 57 5.46 22.40 4.25
C ALA A 57 4.08 22.18 4.84
N THR A 58 3.75 20.93 5.18
CA THR A 58 2.45 20.64 5.81
C THR A 58 2.36 21.31 7.17
N SER A 59 3.45 21.33 7.91
CA SER A 59 3.41 22.01 9.21
C SER A 59 3.22 23.51 9.05
N LEU A 60 3.88 24.11 8.06
CA LEU A 60 3.71 25.55 7.83
C LEU A 60 2.27 25.89 7.43
N ALA A 61 1.67 25.10 6.56
CA ALA A 61 0.28 25.33 6.22
C ALA A 61 -0.58 25.23 7.48
N ASN A 62 -0.33 24.22 8.31
CA ASN A 62 -1.12 24.05 9.52
C ASN A 62 -0.97 25.26 10.42
N LEU A 63 0.27 25.72 10.58
CA LEU A 63 0.51 26.88 11.46
C LEU A 63 -0.14 28.14 10.91
N ALA A 64 -0.08 28.35 9.58
CA ALA A 64 -0.70 29.52 8.98
C ALA A 64 -2.22 29.45 9.05
N ILE A 65 -2.83 28.24 8.90
CA ILE A 65 -4.28 28.12 9.14
C ILE A 65 -4.57 28.59 10.54
N GLY A 66 -3.77 28.08 11.50
CA GLY A 66 -3.85 28.44 12.90
C GLY A 66 -4.85 27.59 13.64
N SER A 67 -4.88 27.76 14.96
CA SER A 67 -5.73 26.88 15.76
C SER A 67 -7.19 27.25 15.65
N ALA A 68 -7.54 28.52 15.46
CA ALA A 68 -8.97 28.82 15.36
C ALA A 68 -9.62 28.17 14.14
N ASP A 69 -8.94 28.18 12.97
CA ASP A 69 -9.57 27.56 11.83
C ASP A 69 -9.22 26.07 11.71
N HIS A 70 -8.46 25.49 12.65
CA HIS A 70 -8.04 24.10 12.52
C HIS A 70 -9.20 23.10 12.42
N LEU A 71 -10.01 22.97 13.48
CA LEU A 71 -11.16 22.07 13.43
C LEU A 71 -12.27 22.61 12.54
N ARG A 72 -12.52 23.92 12.58
CA ARG A 72 -13.55 24.53 11.76
C ARG A 72 -13.38 24.12 10.29
N TRP A 73 -12.17 24.28 9.78
CA TRP A 73 -11.98 23.96 8.37
C TRP A 73 -11.80 22.47 8.16
N HIS A 74 -11.10 21.76 9.07
CA HIS A 74 -10.85 20.35 8.78
C HIS A 74 -12.16 19.56 8.72
N CYS A 75 -13.03 19.76 9.70
CA CYS A 75 -14.25 18.96 9.76
C CYS A 75 -15.20 19.40 8.67
N MET A 76 -15.10 20.65 8.15
CA MET A 76 -15.82 21.02 6.93
C MET A 76 -15.33 20.31 5.69
N ASN A 77 -14.04 20.45 5.41
CA ASN A 77 -13.55 20.10 4.10
C ASN A 77 -12.98 18.74 3.83
N ASN A 78 -12.28 18.18 4.78
CA ASN A 78 -11.51 17.01 4.48
C ASN A 78 -12.27 15.75 3.99
N LYS A 79 -13.41 15.52 4.55
CA LYS A 79 -14.19 14.40 4.13
C LYS A 79 -14.65 14.57 2.70
N TYR A 80 -14.75 15.80 2.22
CA TYR A 80 -15.19 15.93 0.84
C TYR A 80 -14.06 15.64 -0.13
N ASP A 81 -12.80 15.63 0.30
CA ASP A 81 -11.76 15.17 -0.64
C ASP A 81 -12.02 13.72 -1.02
N ASP A 82 -12.50 12.91 -0.07
CA ASP A 82 -12.81 11.51 -0.36
C ASP A 82 -14.09 11.39 -1.15
N MET A 83 -15.08 12.18 -0.84
CA MET A 83 -16.33 12.13 -1.62
C MET A 83 -16.06 12.53 -3.07
N VAL A 84 -15.23 13.56 -3.28
CA VAL A 84 -14.85 13.96 -4.66
C VAL A 84 -14.26 12.74 -5.37
N LEU A 85 -13.31 12.04 -4.71
CA LEU A 85 -12.73 10.85 -5.35
C LEU A 85 -13.78 9.80 -5.65
N HIS A 86 -14.78 9.66 -4.76
CA HIS A 86 -15.86 8.71 -4.99
C HIS A 86 -16.54 9.01 -6.29
N PHE A 87 -16.86 10.29 -6.53
CA PHE A 87 -17.47 10.69 -7.79
C PHE A 87 -16.55 10.48 -8.98
N LEU A 88 -15.28 10.85 -8.82
CA LEU A 88 -14.37 10.77 -9.93
C LEU A 88 -14.21 9.33 -10.38
N ALA A 89 -14.16 8.41 -9.43
CA ALA A 89 -14.05 6.99 -9.77
C ALA A 89 -15.38 6.43 -10.31
N ARG A 90 -16.50 6.68 -9.64
CA ARG A 90 -17.76 6.05 -10.07
C ARG A 90 -18.24 6.60 -11.39
N TYR A 91 -17.91 7.85 -11.74
CA TYR A 91 -18.30 8.38 -13.06
C TYR A 91 -17.15 8.33 -14.04
N ASN A 92 -16.05 7.67 -13.68
CA ASN A 92 -14.90 7.48 -14.60
C ASN A 92 -14.44 8.78 -15.21
N ILE A 93 -14.34 9.84 -14.37
CA ILE A 93 -13.97 11.16 -14.86
C ILE A 93 -12.50 11.17 -15.29
N PHE A 94 -11.63 10.37 -14.67
CA PHE A 94 -10.23 10.32 -15.12
C PHE A 94 -10.13 9.91 -16.57
N ASP A 95 -10.90 8.89 -16.97
CA ASP A 95 -10.83 8.43 -18.35
C ASP A 95 -11.59 9.32 -19.30
N ALA A 96 -12.61 10.02 -18.83
CA ALA A 96 -13.43 10.88 -19.70
C ALA A 96 -12.74 12.18 -20.09
N VAL A 97 -11.82 12.69 -19.27
CA VAL A 97 -11.05 13.88 -19.60
C VAL A 97 -9.85 13.41 -20.43
N PRO A 98 -9.70 13.85 -21.67
CA PRO A 98 -8.54 13.38 -22.45
C PRO A 98 -7.21 13.78 -21.81
N ARG A 99 -6.23 12.88 -21.92
CA ARG A 99 -4.95 13.07 -21.23
C ARG A 99 -4.37 14.44 -21.56
N ASN A 100 -4.34 14.79 -22.86
CA ASN A 100 -3.53 15.91 -23.33
C ASN A 100 -4.34 17.09 -23.81
N GLU A 101 -5.68 17.08 -23.66
CA GLU A 101 -6.54 18.17 -24.11
C GLU A 101 -7.49 18.56 -23.00
N SER A 102 -8.11 19.71 -23.19
CA SER A 102 -9.17 20.17 -22.29
C SER A 102 -10.50 19.65 -22.83
N ILE A 103 -11.50 19.67 -21.97
CA ILE A 103 -12.85 19.30 -22.37
C ILE A 103 -13.81 20.21 -21.63
N SER A 104 -14.84 20.73 -22.33
CA SER A 104 -15.75 21.60 -21.64
C SER A 104 -16.56 20.86 -20.57
N TYR A 105 -17.02 21.59 -19.54
CA TYR A 105 -17.94 20.98 -18.59
C TYR A 105 -19.16 20.42 -19.31
N VAL A 106 -19.65 21.13 -20.34
CA VAL A 106 -20.81 20.63 -21.07
C VAL A 106 -20.53 19.24 -21.63
N GLU A 107 -19.39 19.12 -22.33
CA GLU A 107 -19.07 17.86 -22.98
C GLU A 107 -18.73 16.79 -21.97
N LEU A 108 -18.03 17.17 -20.90
CA LEU A 108 -17.68 16.16 -19.90
C LEU A 108 -18.93 15.62 -19.20
N SER A 109 -19.85 16.53 -18.82
CA SER A 109 -21.11 16.13 -18.22
C SER A 109 -21.85 15.14 -19.10
N GLN A 110 -21.88 15.45 -20.41
CA GLN A 110 -22.60 14.57 -21.32
C GLN A 110 -21.91 13.20 -21.43
N LYS A 111 -20.58 13.17 -21.50
CA LYS A 111 -19.84 11.91 -21.63
C LYS A 111 -20.15 10.98 -20.46
N ILE A 112 -20.18 11.52 -19.22
CA ILE A 112 -20.27 10.66 -18.04
C ILE A 112 -21.66 10.53 -17.45
N GLY A 113 -22.64 11.29 -17.95
CA GLY A 113 -23.98 11.18 -17.36
C GLY A 113 -24.15 11.78 -15.99
N LEU A 114 -23.39 12.81 -15.68
CA LEU A 114 -23.51 13.49 -14.37
C LEU A 114 -23.97 14.89 -14.71
N PRO A 115 -25.12 15.37 -14.20
CA PRO A 115 -25.58 16.72 -14.54
C PRO A 115 -24.51 17.78 -14.26
N GLU A 116 -24.38 18.69 -15.22
CA GLU A 116 -23.27 19.64 -15.26
C GLU A 116 -23.18 20.47 -13.99
N HIS A 117 -24.29 20.92 -13.44
CA HIS A 117 -24.22 21.74 -12.25
C HIS A 117 -23.58 20.97 -11.11
N ARG A 118 -23.90 19.69 -10.98
CA ARG A 118 -23.31 18.89 -9.89
C ARG A 118 -21.86 18.58 -10.21
N LEU A 119 -21.57 18.34 -11.49
CA LEU A 119 -20.22 18.05 -11.93
C LEU A 119 -19.29 19.21 -11.59
N ARG A 120 -19.74 20.44 -11.83
CA ARG A 120 -18.93 21.63 -11.53
C ARG A 120 -18.61 21.73 -10.05
N ARG A 121 -19.60 21.37 -9.21
CA ARG A 121 -19.40 21.51 -7.76
C ARG A 121 -18.40 20.50 -7.24
N ILE A 122 -18.42 19.28 -7.76
CA ILE A 122 -17.40 18.28 -7.43
C ILE A 122 -16.03 18.75 -7.91
N MET A 123 -15.94 19.18 -9.20
CA MET A 123 -14.61 19.55 -9.72
C MET A 123 -14.02 20.70 -8.94
N SER A 124 -14.87 21.67 -8.53
CA SER A 124 -14.35 22.80 -7.73
C SER A 124 -13.53 22.31 -6.54
N MET A 125 -14.03 21.29 -5.84
CA MET A 125 -13.27 20.75 -4.73
C MET A 125 -12.05 19.95 -5.17
N ALA A 126 -12.18 19.18 -6.26
CA ALA A 126 -11.03 18.42 -6.75
C ALA A 126 -9.84 19.32 -7.07
N TYR A 127 -10.09 20.49 -7.68
CA TYR A 127 -8.95 21.32 -8.10
C TYR A 127 -8.13 21.77 -6.91
N THR A 128 -8.75 21.85 -5.74
CA THR A 128 -8.01 22.39 -4.60
C THR A 128 -6.97 21.41 -4.12
N ARG A 129 -6.99 20.18 -4.65
CA ARG A 129 -6.01 19.17 -4.30
C ARG A 129 -5.17 18.89 -5.55
N HIS A 130 -5.08 19.85 -6.43
CA HIS A 130 -4.31 19.67 -7.65
C HIS A 130 -4.67 18.40 -8.40
N LEU A 131 -5.96 18.07 -8.28
CA LEU A 131 -6.61 16.95 -8.94
C LEU A 131 -7.39 17.67 -10.02
N PHE A 132 -6.98 17.45 -11.26
CA PHE A 132 -7.55 18.14 -12.42
C PHE A 132 -7.36 19.70 -12.25
N CYS A 133 -7.65 20.41 -13.30
CA CYS A 133 -7.56 21.87 -13.25
C CYS A 133 -8.56 22.44 -14.21
N GLU A 134 -8.74 23.76 -14.12
CA GLU A 134 -9.66 24.51 -14.98
C GLU A 134 -8.80 25.47 -15.78
N PRO A 135 -8.31 25.08 -16.95
CA PRO A 135 -7.29 25.88 -17.64
C PRO A 135 -7.83 27.17 -18.18
N LYS A 136 -9.12 27.19 -18.53
CA LYS A 136 -9.82 28.40 -18.91
C LYS A 136 -11.25 28.24 -18.40
N PRO A 137 -11.97 29.33 -18.16
CA PRO A 137 -13.36 29.20 -17.74
C PRO A 137 -14.14 28.25 -18.64
N GLY A 138 -14.88 27.33 -18.02
CA GLY A 138 -15.73 26.45 -18.76
C GLY A 138 -15.14 25.10 -19.10
N PHE A 139 -13.84 24.91 -18.83
CA PHE A 139 -13.13 23.74 -19.34
C PHE A 139 -12.34 23.05 -18.23
N VAL A 140 -12.18 21.74 -18.42
CA VAL A 140 -11.48 20.84 -17.47
C VAL A 140 -10.26 20.25 -18.17
N ALA A 141 -9.13 20.10 -17.46
CA ALA A 141 -8.00 19.33 -17.96
C ALA A 141 -7.38 18.54 -16.82
N HIS A 142 -6.54 17.57 -17.18
CA HIS A 142 -5.78 16.77 -16.21
C HIS A 142 -4.65 17.59 -15.57
N THR A 143 -4.23 17.11 -14.41
CA THR A 143 -2.97 17.49 -13.82
C THR A 143 -2.08 16.26 -13.73
N SER A 144 -0.86 16.44 -13.23
CA SER A 144 -0.02 15.29 -12.94
C SER A 144 -0.74 14.23 -12.13
N ASN A 145 -1.36 14.68 -11.03
CA ASN A 145 -1.97 13.76 -10.09
C ASN A 145 -3.12 12.99 -10.70
N SER A 146 -3.96 13.67 -11.52
CA SER A 146 -5.12 12.97 -12.10
C SER A 146 -4.72 12.11 -13.29
N ALA A 147 -3.76 12.59 -14.11
CA ALA A 147 -3.44 11.84 -15.34
C ALA A 147 -2.80 10.50 -15.02
N LEU A 148 -2.11 10.36 -13.87
CA LEU A 148 -1.46 9.10 -13.57
C LEU A 148 -2.48 8.02 -13.33
N ALA A 149 -3.74 8.40 -13.04
CA ALA A 149 -4.78 7.42 -12.77
C ALA A 149 -5.64 7.10 -13.98
N ILE A 150 -5.34 7.70 -15.16
CA ILE A 150 -6.05 7.35 -16.38
C ILE A 150 -5.84 5.87 -16.68
N ASN A 151 -6.94 5.19 -16.98
CA ASN A 151 -6.88 3.76 -17.41
C ASN A 151 -6.19 2.88 -16.39
N ASP A 152 -6.37 3.20 -15.11
CA ASP A 152 -5.70 2.42 -14.06
C ASP A 152 -6.75 1.86 -13.12
N PRO A 153 -7.22 0.64 -13.35
CA PRO A 153 -8.21 0.04 -12.44
C PRO A 153 -7.64 -0.20 -11.04
N LEU A 154 -6.32 -0.30 -10.91
CA LEU A 154 -5.74 -0.55 -9.59
C LEU A 154 -5.96 0.69 -8.74
N ALA A 155 -5.76 1.87 -9.34
CA ALA A 155 -6.03 3.12 -8.61
C ALA A 155 -7.51 3.27 -8.28
N MET A 156 -8.39 2.96 -9.23
CA MET A 156 -9.81 3.07 -8.95
C MET A 156 -10.24 2.09 -7.87
N ALA A 157 -9.64 0.90 -7.85
CA ALA A 157 -9.91 -0.06 -6.78
C ALA A 157 -9.57 0.54 -5.41
N TRP A 158 -8.43 1.23 -5.32
CA TRP A 158 -8.03 1.77 -4.02
C TRP A 158 -8.99 2.87 -3.56
N ILE A 159 -9.43 3.76 -4.45
CA ILE A 159 -10.47 4.73 -4.09
C ILE A 159 -11.69 4.02 -3.58
N LEU A 160 -12.22 3.05 -4.35
CA LEU A 160 -13.53 2.49 -4.03
C LEU A 160 -13.48 1.57 -2.80
N HIS A 161 -12.38 0.83 -2.62
CA HIS A 161 -12.29 0.03 -1.40
C HIS A 161 -12.36 0.91 -0.17
N ASN A 162 -11.66 2.04 -0.19
CA ASN A 162 -11.68 2.89 0.99
C ASN A 162 -13.00 3.60 1.17
N VAL A 163 -13.57 4.15 0.10
CA VAL A 163 -14.74 5.00 0.29
C VAL A 163 -16.03 4.21 0.36
N GLU A 164 -16.07 2.98 -0.19
CA GLU A 164 -17.33 2.22 -0.20
C GLU A 164 -17.30 1.09 0.81
N GLU A 165 -16.12 0.71 1.32
CA GLU A 165 -16.03 -0.42 2.24
C GLU A 165 -15.39 0.00 3.56
N VAL A 166 -14.11 0.38 3.55
CA VAL A 166 -13.40 0.60 4.82
C VAL A 166 -14.07 1.72 5.61
N GLN A 167 -14.31 2.86 4.98
CA GLN A 167 -14.78 4.00 5.78
C GLN A 167 -16.19 3.77 6.29
N PRO A 168 -17.17 3.40 5.48
CA PRO A 168 -18.54 3.25 6.00
C PRO A 168 -18.74 2.04 6.89
N TRP A 169 -18.10 0.93 6.58
CA TRP A 169 -18.42 -0.30 7.30
C TRP A 169 -17.58 -0.48 8.53
N TYR A 170 -16.36 0.07 8.56
CA TYR A 170 -15.41 -0.19 9.62
C TYR A 170 -14.97 1.09 10.34
N ALA A 171 -14.32 2.04 9.63
CA ALA A 171 -13.76 3.20 10.35
C ALA A 171 -14.84 3.98 11.06
N ASN A 172 -15.98 4.24 10.40
CA ASN A 172 -17.01 5.07 11.01
C ASN A 172 -17.60 4.40 12.25
N LYS A 173 -17.43 3.10 12.35
CA LYS A 173 -18.03 2.30 13.44
C LYS A 173 -17.03 1.92 14.52
N LEU A 174 -15.78 2.40 14.46
CA LEU A 174 -14.75 1.86 15.34
C LEU A 174 -14.97 2.32 16.79
N VAL A 175 -15.49 3.54 17.03
CA VAL A 175 -15.79 3.94 18.41
C VAL A 175 -16.82 2.98 18.96
N ASP A 176 -17.87 2.68 18.19
CA ASP A 176 -18.91 1.80 18.72
C ASP A 176 -18.39 0.38 18.90
N SER A 177 -17.50 -0.09 17.98
CA SER A 177 -16.91 -1.42 18.17
C SER A 177 -16.06 -1.48 19.43
N THR A 178 -15.28 -0.42 19.69
CA THR A 178 -14.46 -0.34 20.92
C THR A 178 -15.34 -0.38 22.15
N LYS A 179 -16.47 0.31 22.12
CA LYS A 179 -17.38 0.31 23.28
C LYS A 179 -18.02 -1.05 23.47
N LYS A 180 -18.30 -1.77 22.38
CA LYS A 180 -19.00 -3.06 22.47
C LYS A 180 -18.07 -4.16 22.97
N TRP A 181 -16.87 -4.31 22.35
CA TRP A 181 -16.02 -5.47 22.64
C TRP A 181 -14.74 -5.14 23.37
N GLY A 182 -14.34 -3.85 23.49
CA GLY A 182 -13.05 -3.54 24.05
C GLY A 182 -11.94 -3.71 23.03
N ASP A 183 -10.71 -3.84 23.52
CA ASP A 183 -9.52 -3.89 22.65
C ASP A 183 -9.17 -5.35 22.51
N THR A 184 -9.59 -5.97 21.41
CA THR A 184 -9.32 -7.38 21.13
C THR A 184 -8.67 -7.49 19.77
N THR A 185 -8.16 -8.72 19.49
CA THR A 185 -7.61 -8.99 18.16
C THR A 185 -8.51 -9.89 17.32
N ASP A 186 -9.79 -9.98 17.67
CA ASP A 186 -10.69 -10.88 16.96
C ASP A 186 -11.31 -10.18 15.77
N PRO A 187 -11.10 -10.65 14.54
CA PRO A 187 -11.64 -9.93 13.38
C PRO A 187 -13.17 -9.97 13.31
N ARG A 188 -13.85 -10.76 14.17
CA ARG A 188 -15.29 -10.65 14.24
C ARG A 188 -15.76 -9.41 14.99
N HIS A 189 -14.88 -8.79 15.79
CA HIS A 189 -15.23 -7.64 16.65
C HIS A 189 -15.04 -6.34 15.88
N THR A 190 -15.81 -6.27 14.81
CA THR A 190 -15.68 -5.19 13.83
C THR A 190 -17.08 -4.71 13.47
N GLY A 191 -17.12 -3.51 12.86
CA GLY A 191 -18.35 -2.75 12.66
C GLY A 191 -19.57 -3.51 12.12
N PRO A 192 -19.41 -4.35 11.10
CA PRO A 192 -20.58 -5.04 10.52
C PRO A 192 -21.29 -5.92 11.53
N ASN A 193 -20.65 -6.25 12.67
CA ASN A 193 -21.23 -7.22 13.61
C ASN A 193 -21.74 -6.57 14.88
N LEU A 194 -21.89 -5.23 14.89
CA LEU A 194 -22.34 -4.54 16.10
C LEU A 194 -23.68 -5.06 16.56
N ASN A 195 -24.55 -5.47 15.63
CA ASN A 195 -25.86 -5.99 16.02
C ASN A 195 -26.08 -7.41 15.57
N ALA A 196 -25.01 -8.16 15.28
CA ALA A 196 -25.19 -9.51 14.75
C ALA A 196 -25.58 -10.49 15.84
N LYS A 197 -26.44 -11.45 15.49
CA LYS A 197 -26.79 -12.55 16.39
C LYS A 197 -25.61 -13.51 16.55
N ALA A 198 -25.72 -14.36 17.56
CA ALA A 198 -24.66 -15.33 17.81
C ALA A 198 -24.45 -16.18 16.56
N GLY A 199 -23.18 -16.41 16.23
CA GLY A 199 -22.84 -17.21 15.08
C GLY A 199 -23.22 -16.65 13.73
N GLU A 200 -23.66 -15.42 13.68
CA GLU A 200 -24.01 -14.88 12.40
C GLU A 200 -23.07 -13.71 12.01
N GLU A 201 -22.04 -13.58 12.78
CA GLU A 201 -21.03 -12.57 12.49
C GLU A 201 -20.41 -12.82 11.13
N LYS A 202 -20.00 -11.73 10.47
CA LYS A 202 -19.31 -11.87 9.20
C LYS A 202 -17.92 -11.25 9.32
N LEU A 203 -16.92 -11.95 8.83
CA LEU A 203 -15.55 -11.40 8.76
C LEU A 203 -15.43 -10.54 7.52
N PHE A 204 -14.55 -9.53 7.57
CA PHE A 204 -14.25 -8.77 6.34
C PHE A 204 -13.92 -9.70 5.18
N TYR A 205 -13.02 -10.67 5.40
CA TYR A 205 -12.61 -11.51 4.26
C TYR A 205 -13.74 -12.43 3.81
N GLN A 206 -14.64 -12.79 4.71
CA GLN A 206 -15.83 -13.53 4.30
C GLN A 206 -16.71 -12.70 3.38
N ILE A 207 -16.95 -11.42 3.72
CA ILE A 207 -17.74 -10.57 2.86
C ILE A 207 -17.06 -10.43 1.52
N MET A 208 -15.73 -10.22 1.53
CA MET A 208 -15.00 -10.04 0.27
C MET A 208 -15.16 -11.23 -0.63
N GLU A 209 -15.00 -12.44 -0.08
CA GLU A 209 -14.95 -13.58 -1.00
C GLU A 209 -16.35 -14.10 -1.33
N GLU A 210 -17.37 -13.77 -0.55
CA GLU A 210 -18.71 -14.33 -0.75
C GLU A 210 -19.66 -13.42 -1.52
N ASP A 211 -19.58 -12.09 -1.38
CA ASP A 211 -20.61 -11.29 -2.02
C ASP A 211 -20.55 -11.46 -3.54
N ASP A 212 -21.71 -11.77 -4.14
CA ASP A 212 -21.78 -11.93 -5.58
C ASP A 212 -22.60 -10.83 -6.26
N GLN A 213 -22.96 -9.75 -5.56
CA GLN A 213 -23.83 -8.74 -6.15
C GLN A 213 -23.00 -7.58 -6.70
N GLY A 214 -22.28 -7.88 -7.77
CA GLY A 214 -21.41 -6.89 -8.36
C GLY A 214 -20.42 -7.48 -9.32
N GLU A 215 -19.55 -6.60 -9.84
CA GLU A 215 -18.55 -6.97 -10.81
C GLU A 215 -17.41 -5.98 -10.68
N TRP A 216 -16.19 -6.47 -10.88
CA TRP A 216 -15.02 -5.58 -10.84
C TRP A 216 -13.95 -6.11 -11.79
N ASN A 217 -13.53 -5.27 -12.75
CA ASN A 217 -12.33 -5.48 -13.55
C ASN A 217 -12.13 -6.92 -13.96
N GLY A 218 -13.17 -7.50 -14.60
CA GLY A 218 -12.96 -8.82 -15.18
C GLY A 218 -13.51 -9.96 -14.35
N VAL A 219 -13.89 -9.71 -13.10
CA VAL A 219 -14.50 -10.73 -12.26
C VAL A 219 -15.94 -10.33 -12.00
N LYS A 220 -16.89 -11.16 -12.43
CA LYS A 220 -18.30 -10.90 -12.23
C LYS A 220 -18.84 -11.86 -11.18
N GLY A 221 -19.65 -11.33 -10.27
CA GLY A 221 -20.31 -12.11 -9.24
C GLY A 221 -19.42 -12.46 -8.07
N LYS A 222 -19.50 -13.70 -7.59
CA LYS A 222 -18.91 -14.07 -6.31
C LYS A 222 -17.46 -13.69 -6.21
N GLY A 223 -17.16 -12.87 -5.18
CA GLY A 223 -15.78 -12.53 -4.90
C GLY A 223 -15.30 -11.27 -5.61
N PHE A 224 -16.21 -10.54 -6.27
CA PHE A 224 -15.75 -9.35 -7.01
C PHE A 224 -15.05 -8.35 -6.07
N ARG A 225 -15.53 -8.21 -4.81
CA ARG A 225 -14.88 -7.30 -3.84
C ARG A 225 -13.48 -7.76 -3.47
N LEU A 226 -13.27 -9.10 -3.37
CA LEU A 226 -11.94 -9.60 -3.06
C LEU A 226 -11.01 -9.38 -4.25
N TRP A 227 -11.51 -9.59 -5.49
CA TRP A 227 -10.65 -9.28 -6.61
C TRP A 227 -10.27 -7.80 -6.63
N ARG A 228 -11.25 -6.92 -6.35
CA ARG A 228 -10.91 -5.50 -6.23
C ARG A 228 -9.85 -5.28 -5.14
N LEU A 229 -9.97 -5.99 -4.02
CA LEU A 229 -8.95 -5.85 -2.97
C LEU A 229 -7.59 -6.30 -3.51
N PHE A 230 -7.57 -7.35 -4.29
CA PHE A 230 -6.31 -7.81 -4.85
C PHE A 230 -5.69 -6.75 -5.78
N ASP A 231 -6.57 -6.01 -6.43
CA ASP A 231 -6.15 -4.93 -7.32
C ASP A 231 -5.49 -3.84 -6.48
N THR A 232 -6.03 -3.58 -5.29
CA THR A 232 -5.46 -2.57 -4.43
C THR A 232 -4.08 -2.95 -3.96
N ASP A 233 -3.91 -4.24 -3.69
CA ASP A 233 -2.60 -4.68 -3.26
C ASP A 233 -1.57 -4.50 -4.36
N LYS A 234 -1.96 -4.82 -5.59
CA LYS A 234 -1.07 -4.62 -6.71
C LYS A 234 -0.77 -3.13 -6.94
N PHE A 235 -1.76 -2.27 -6.69
CA PHE A 235 -1.55 -0.82 -6.80
C PHE A 235 -0.36 -0.36 -5.94
N PHE A 236 -0.22 -0.93 -4.73
CA PHE A 236 0.89 -0.48 -3.92
C PHE A 236 2.23 -1.06 -4.34
N GLY A 237 2.19 -2.06 -5.21
CA GLY A 237 3.44 -2.59 -5.78
C GLY A 237 3.88 -1.92 -7.06
N THR A 238 2.94 -1.34 -7.83
CA THR A 238 3.31 -0.85 -9.19
C THR A 238 4.04 0.49 -9.16
N GLY A 239 4.01 1.21 -8.04
CA GLY A 239 4.62 2.55 -8.01
C GLY A 239 4.53 3.13 -6.62
N GLY A 240 5.18 4.31 -6.44
CA GLY A 240 5.07 4.98 -5.13
C GLY A 240 5.89 4.33 -4.05
N ALA A 241 5.56 4.68 -2.80
CA ALA A 241 6.45 4.47 -1.67
C ALA A 241 6.84 3.01 -1.49
N ILE A 242 5.87 2.09 -1.64
CA ILE A 242 6.05 0.66 -1.33
C ILE A 242 6.28 -0.15 -2.60
N LYS A 243 6.73 0.51 -3.67
CA LYS A 243 6.85 -0.19 -4.96
C LYS A 243 7.69 -1.47 -4.85
N GLY A 244 7.23 -2.50 -5.55
CA GLY A 244 7.83 -3.82 -5.36
C GLY A 244 9.31 -3.88 -5.73
N THR A 245 9.74 -3.07 -6.69
CA THR A 245 11.17 -3.08 -7.04
C THR A 245 12.07 -2.63 -5.90
N ASN A 246 11.55 -1.98 -4.85
CA ASN A 246 12.42 -1.64 -3.72
C ASN A 246 13.02 -2.86 -3.08
N MET A 247 12.32 -3.96 -3.12
CA MET A 247 12.85 -5.19 -2.54
C MET A 247 14.17 -5.60 -3.16
N LEU A 248 14.37 -5.23 -4.43
CA LEU A 248 15.64 -5.63 -5.06
C LEU A 248 16.81 -4.83 -4.51
N ARG A 249 16.56 -3.66 -3.86
CA ARG A 249 17.59 -2.88 -3.20
C ARG A 249 17.78 -3.30 -1.77
N ALA A 250 16.76 -3.93 -1.16
CA ALA A 250 16.75 -4.22 0.25
C ALA A 250 17.12 -5.68 0.56
N PHE A 251 17.28 -6.49 -0.49
CA PHE A 251 17.63 -7.90 -0.33
C PHE A 251 18.32 -8.33 -1.62
N ASP A 252 19.31 -9.21 -1.50
CA ASP A 252 20.04 -9.67 -2.68
C ASP A 252 19.53 -11.04 -3.10
N TRP A 253 18.54 -11.05 -4.01
CA TRP A 253 17.95 -12.30 -4.49
C TRP A 253 18.92 -13.10 -5.34
N GLY A 254 19.93 -12.44 -5.88
CA GLY A 254 20.90 -13.16 -6.69
C GLY A 254 21.79 -14.09 -5.90
N LYS A 255 22.03 -13.79 -4.61
CA LYS A 255 22.88 -14.67 -3.80
C LYS A 255 22.28 -16.06 -3.63
N LEU A 256 20.96 -16.22 -3.86
CA LEU A 256 20.33 -17.53 -3.72
C LEU A 256 20.66 -18.49 -4.86
N GLY A 257 21.18 -17.99 -5.98
CA GLY A 257 21.39 -18.85 -7.15
C GLY A 257 20.07 -19.47 -7.61
N LYS A 258 20.16 -20.69 -8.12
CA LYS A 258 18.97 -21.44 -8.52
C LYS A 258 18.28 -21.92 -7.24
N ALA A 259 17.04 -21.48 -7.03
CA ALA A 259 16.40 -21.73 -5.76
C ALA A 259 14.88 -21.74 -5.94
N THR A 260 14.20 -22.48 -5.04
CA THR A 260 12.75 -22.57 -4.96
C THR A 260 12.29 -21.64 -3.85
N VAL A 261 11.36 -20.72 -4.16
CA VAL A 261 10.81 -19.77 -3.21
C VAL A 261 9.33 -20.09 -3.09
N VAL A 262 8.87 -20.33 -1.88
CA VAL A 262 7.42 -20.40 -1.64
C VAL A 262 7.02 -19.00 -1.22
N ASP A 263 6.14 -18.40 -2.00
CA ASP A 263 5.69 -17.02 -1.76
C ASP A 263 4.33 -17.08 -1.08
N LEU A 264 4.35 -16.98 0.26
CA LEU A 264 3.13 -16.90 1.04
C LEU A 264 2.60 -15.46 1.11
N SER A 265 3.18 -14.54 0.32
CA SER A 265 2.46 -13.25 0.10
C SER A 265 1.08 -13.47 -0.47
N GLY A 266 0.90 -14.54 -1.26
CA GLY A 266 -0.42 -14.75 -1.85
C GLY A 266 -0.81 -13.66 -2.85
N ILE A 267 -2.09 -13.30 -2.80
CA ILE A 267 -2.70 -12.36 -3.73
C ILE A 267 -2.48 -12.93 -5.14
N THR A 268 -1.85 -12.19 -6.07
CA THR A 268 -1.66 -12.69 -7.44
C THR A 268 -0.19 -12.88 -7.75
N GLY A 269 0.66 -12.93 -6.73
CA GLY A 269 2.09 -13.17 -6.94
C GLY A 269 2.78 -12.05 -7.66
N HIS A 270 2.25 -10.83 -7.57
CA HIS A 270 2.86 -9.79 -8.41
C HIS A 270 4.28 -9.41 -7.98
N LEU A 271 4.65 -9.62 -6.71
CA LEU A 271 6.01 -9.35 -6.29
C LEU A 271 6.93 -10.48 -6.74
N SER A 272 6.45 -11.73 -6.63
CA SER A 272 7.21 -12.85 -7.20
C SER A 272 7.51 -12.58 -8.66
N SER A 273 6.53 -12.07 -9.42
CA SER A 273 6.78 -11.82 -10.84
C SER A 273 7.90 -10.80 -11.03
N THR A 274 7.88 -9.70 -10.26
CA THR A 274 8.92 -8.69 -10.37
C THR A 274 10.30 -9.29 -10.09
N VAL A 275 10.41 -10.11 -9.04
CA VAL A 275 11.71 -10.68 -8.72
C VAL A 275 12.09 -11.71 -9.78
N ALA A 276 11.13 -12.52 -10.22
CA ALA A 276 11.39 -13.57 -11.24
C ALA A 276 11.94 -12.95 -12.52
N LEU A 277 11.39 -11.81 -12.94
CA LEU A 277 11.85 -11.21 -14.18
C LEU A 277 13.33 -10.85 -14.08
N ALA A 278 13.77 -10.41 -12.89
CA ALA A 278 15.14 -9.99 -12.63
C ALA A 278 16.08 -11.17 -12.37
N TYR A 279 15.54 -12.33 -11.98
CA TYR A 279 16.34 -13.47 -11.53
C TYR A 279 15.75 -14.73 -12.12
N PRO A 280 16.18 -15.09 -13.34
CA PRO A 280 15.59 -16.22 -14.08
C PRO A 280 15.85 -17.59 -13.45
N ASP A 281 16.77 -17.71 -12.51
CA ASP A 281 17.02 -19.02 -11.92
C ASP A 281 16.13 -19.32 -10.72
N LEU A 282 15.24 -18.40 -10.34
CA LEU A 282 14.32 -18.64 -9.23
C LEU A 282 13.00 -19.21 -9.72
N THR A 283 12.40 -20.05 -8.90
CA THR A 283 11.04 -20.53 -9.13
C THR A 283 10.23 -20.08 -7.93
N PHE A 284 9.08 -19.47 -8.20
CA PHE A 284 8.17 -18.99 -7.18
C PHE A 284 6.88 -19.75 -7.21
N ILE A 285 6.57 -20.37 -6.10
CA ILE A 285 5.30 -21.07 -5.88
C ILE A 285 4.48 -20.16 -4.99
N VAL A 286 3.47 -19.50 -5.58
CA VAL A 286 2.70 -18.47 -4.87
C VAL A 286 1.50 -19.14 -4.25
N GLN A 287 1.41 -19.05 -2.92
CA GLN A 287 0.39 -19.76 -2.16
C GLN A 287 -0.64 -18.78 -1.63
N GLU A 288 -1.91 -19.10 -1.84
CA GLU A 288 -3.01 -18.24 -1.40
C GLU A 288 -4.25 -19.12 -1.28
N ARG A 289 -5.18 -18.68 -0.46
CA ARG A 289 -6.50 -19.29 -0.41
C ARG A 289 -7.16 -19.24 -1.78
N ASN A 290 -7.74 -20.37 -2.23
CA ASN A 290 -8.28 -20.38 -3.58
C ASN A 290 -9.63 -19.65 -3.69
N GLN A 291 -9.90 -19.16 -4.91
CA GLN A 291 -11.19 -18.62 -5.32
C GLN A 291 -11.45 -19.14 -6.71
N SER A 292 -12.75 -19.18 -7.07
CA SER A 292 -13.08 -19.79 -8.37
C SER A 292 -12.26 -19.18 -9.51
N TRP A 293 -12.08 -17.87 -9.49
CA TRP A 293 -11.46 -17.13 -10.57
C TRP A 293 -9.95 -16.95 -10.40
N LEU A 294 -9.37 -17.40 -9.27
CA LEU A 294 -8.01 -16.97 -8.97
C LEU A 294 -6.98 -17.58 -9.92
N GLU A 295 -7.05 -18.87 -10.23
CA GLU A 295 -5.99 -19.41 -11.07
C GLU A 295 -5.98 -18.77 -12.44
N LYS A 296 -7.18 -18.58 -13.01
CA LYS A 296 -7.28 -17.93 -14.33
C LYS A 296 -6.78 -16.48 -14.28
N GLN A 297 -7.21 -15.71 -13.25
CA GLN A 297 -6.72 -14.33 -13.23
C GLN A 297 -5.22 -14.24 -12.94
N PHE A 298 -4.73 -15.07 -12.01
CA PHE A 298 -3.30 -15.13 -11.74
C PHE A 298 -2.53 -15.33 -13.02
N ASN A 299 -2.95 -16.34 -13.79
CA ASN A 299 -2.20 -16.66 -15.01
C ASN A 299 -2.34 -15.58 -16.07
N ASP A 300 -3.53 -14.98 -16.21
CA ASP A 300 -3.74 -13.94 -17.20
C ASP A 300 -2.90 -12.70 -16.92
N LYS A 301 -2.64 -12.40 -15.64
CA LYS A 301 -1.93 -11.18 -15.33
C LYS A 301 -0.42 -11.36 -15.25
N LEU A 302 0.09 -12.60 -15.37
CA LEU A 302 1.53 -12.77 -15.41
C LEU A 302 2.13 -11.99 -16.55
N PRO A 303 3.32 -11.41 -16.36
CA PRO A 303 4.07 -10.83 -17.48
C PRO A 303 4.18 -11.82 -18.63
N ALA A 304 4.11 -11.32 -19.86
CA ALA A 304 4.08 -12.24 -21.00
C ALA A 304 5.27 -13.21 -20.99
N GLU A 305 6.45 -12.72 -20.61
CA GLU A 305 7.67 -13.51 -20.59
C GLU A 305 7.56 -14.71 -19.64
N LEU A 306 6.73 -14.61 -18.62
CA LEU A 306 6.64 -15.67 -17.64
C LEU A 306 5.51 -16.64 -17.89
N LYS A 307 4.55 -16.31 -18.77
CA LYS A 307 3.38 -17.17 -18.92
C LYS A 307 3.83 -18.54 -19.44
N GLY A 308 3.36 -19.61 -18.79
CA GLY A 308 3.63 -20.98 -19.22
C GLY A 308 5.01 -21.48 -18.91
N SER A 309 5.84 -20.71 -18.21
CA SER A 309 7.24 -21.05 -18.00
C SER A 309 7.44 -21.84 -16.74
N GLY A 310 6.43 -21.87 -15.86
CA GLY A 310 6.61 -22.45 -14.54
C GLY A 310 7.41 -21.64 -13.55
N ARG A 311 7.97 -20.49 -13.94
CA ARG A 311 8.79 -19.72 -13.02
C ARG A 311 7.97 -19.06 -11.94
N VAL A 312 6.71 -18.72 -12.22
CA VAL A 312 5.83 -18.14 -11.19
C VAL A 312 4.51 -18.85 -11.35
N ARG A 313 4.14 -19.66 -10.38
CA ARG A 313 2.88 -20.38 -10.52
C ARG A 313 2.08 -20.39 -9.25
N PHE A 314 0.77 -20.50 -9.43
CA PHE A 314 -0.15 -20.45 -8.30
C PHE A 314 -0.31 -21.87 -7.73
N MET A 315 -0.32 -21.96 -6.40
CA MET A 315 -0.65 -23.18 -5.67
C MET A 315 -1.64 -22.82 -4.57
N ALA A 316 -2.89 -23.29 -4.67
CA ALA A 316 -3.87 -23.09 -3.61
C ALA A 316 -3.32 -23.67 -2.30
N HIS A 317 -3.56 -22.95 -1.20
CA HIS A 317 -2.95 -23.38 0.06
C HIS A 317 -3.63 -22.67 1.21
N ASP A 318 -3.85 -23.38 2.30
CA ASP A 318 -4.28 -22.80 3.57
C ASP A 318 -3.01 -22.46 4.37
N LYS A 319 -2.75 -21.14 4.55
CA LYS A 319 -1.51 -20.74 5.22
C LYS A 319 -1.44 -21.22 6.66
N TYR A 320 -2.57 -21.64 7.23
CA TYR A 320 -2.55 -22.18 8.58
C TYR A 320 -2.34 -23.67 8.60
N ALA A 321 -2.04 -24.26 7.44
CA ALA A 321 -1.86 -25.70 7.37
C ALA A 321 -0.43 -26.09 7.07
N GLN A 322 -0.13 -27.38 7.29
CA GLN A 322 1.17 -27.91 6.94
C GLN A 322 1.60 -27.56 5.51
N GLN A 323 2.91 -27.31 5.33
CA GLN A 323 3.49 -26.87 4.07
C GLN A 323 3.71 -28.09 3.18
N PRO A 324 3.12 -28.16 1.97
CA PRO A 324 3.33 -29.36 1.11
C PRO A 324 4.59 -29.31 0.26
N VAL A 325 5.20 -28.15 0.02
CA VAL A 325 6.32 -28.10 -0.90
C VAL A 325 7.61 -28.50 -0.18
N LYS A 326 8.40 -29.37 -0.83
CA LYS A 326 9.66 -29.85 -0.31
C LYS A 326 10.85 -29.04 -0.85
N ASP A 327 11.96 -29.15 -0.12
CA ASP A 327 13.24 -28.59 -0.55
C ASP A 327 13.11 -27.10 -0.84
N VAL A 328 12.40 -26.40 0.04
CA VAL A 328 12.20 -24.97 -0.14
C VAL A 328 13.43 -24.20 0.34
N ASP A 329 13.95 -23.34 -0.51
CA ASP A 329 15.09 -22.50 -0.16
C ASP A 329 14.67 -21.23 0.58
N VAL A 330 13.54 -20.62 0.22
CA VAL A 330 13.12 -19.37 0.86
C VAL A 330 11.61 -19.45 1.04
N PHE A 331 11.14 -19.13 2.25
CA PHE A 331 9.74 -18.78 2.43
C PHE A 331 9.64 -17.27 2.44
N PHE A 332 8.90 -16.73 1.49
CA PHE A 332 8.79 -15.27 1.28
C PHE A 332 7.40 -14.82 1.65
N MET A 333 7.30 -13.80 2.53
CA MET A 333 5.98 -13.30 2.97
C MET A 333 6.04 -11.79 2.97
N SER A 334 5.52 -11.16 1.92
CA SER A 334 5.43 -9.68 1.88
C SER A 334 4.05 -9.20 2.32
N THR A 335 4.04 -8.26 3.29
CA THR A 335 2.83 -7.62 3.83
C THR A 335 1.69 -8.61 4.04
N MET A 336 2.04 -9.70 4.73
CA MET A 336 1.08 -10.75 5.03
C MET A 336 0.99 -10.95 6.55
N LEU A 337 2.13 -11.07 7.23
CA LEU A 337 2.08 -11.30 8.65
C LEU A 337 1.52 -10.12 9.42
N HIS A 338 1.55 -8.91 8.83
CA HIS A 338 0.98 -7.79 9.59
C HIS A 338 -0.53 -7.94 9.77
N LYS A 339 -1.22 -8.78 9.00
CA LYS A 339 -2.66 -9.01 9.20
C LYS A 339 -2.95 -10.09 10.25
N GLU A 340 -1.89 -10.67 10.83
CA GLU A 340 -2.00 -11.85 11.67
C GLU A 340 -1.61 -11.49 13.09
N PRO A 341 -2.54 -11.59 14.03
CA PRO A 341 -2.19 -11.49 15.44
C PRO A 341 -1.26 -12.63 15.84
N ASP A 342 -0.58 -12.48 16.96
CA ASP A 342 0.47 -13.39 17.33
C ASP A 342 0.23 -14.89 17.18
N GLU A 343 -0.89 -15.36 17.69
CA GLU A 343 -1.12 -16.79 17.64
C GLU A 343 -1.26 -17.31 16.21
N LYS A 344 -1.89 -16.52 15.37
CA LYS A 344 -2.05 -16.92 14.00
C LYS A 344 -0.72 -16.83 13.24
N ALA A 345 0.02 -15.75 13.49
CA ALA A 345 1.33 -15.62 12.87
C ALA A 345 2.23 -16.77 13.29
N ILE A 346 2.16 -17.17 14.55
CA ILE A 346 3.04 -18.23 15.04
C ILE A 346 2.68 -19.54 14.38
N THR A 347 1.38 -19.81 14.19
CA THR A 347 0.99 -21.00 13.45
C THR A 347 1.65 -21.04 12.08
N ILE A 348 1.58 -19.93 11.35
CA ILE A 348 2.13 -19.90 9.99
C ILE A 348 3.62 -20.12 10.06
N LEU A 349 4.31 -19.41 10.98
CA LEU A 349 5.76 -19.49 11.03
C LEU A 349 6.23 -20.86 11.46
N ARG A 350 5.46 -21.54 12.33
CA ARG A 350 5.86 -22.90 12.72
C ARG A 350 5.70 -23.88 11.57
N HIS A 351 4.66 -23.71 10.73
CA HIS A 351 4.58 -24.59 9.55
C HIS A 351 5.75 -24.34 8.61
N CYS A 352 6.16 -23.07 8.45
CA CYS A 352 7.33 -22.81 7.62
C CYS A 352 8.56 -23.44 8.23
N ALA A 353 8.76 -23.25 9.54
CA ALA A 353 9.98 -23.75 10.17
C ALA A 353 10.05 -25.27 10.04
N GLU A 354 8.92 -25.95 10.13
CA GLU A 354 8.96 -27.41 10.06
C GLU A 354 9.34 -27.87 8.66
N ALA A 355 9.14 -27.04 7.63
CA ALA A 355 9.52 -27.35 6.27
C ALA A 355 10.88 -26.80 5.89
N MET A 356 11.64 -26.25 6.83
CA MET A 356 12.94 -25.65 6.51
C MET A 356 14.06 -26.59 6.88
N ASP A 357 15.06 -26.67 6.01
CA ASP A 357 16.35 -27.23 6.38
C ASP A 357 17.18 -26.09 6.96
N PRO A 358 17.47 -26.08 8.26
CA PRO A 358 18.18 -24.92 8.84
C PRO A 358 19.47 -24.53 8.16
N LYS A 359 20.19 -25.46 7.54
CA LYS A 359 21.44 -25.14 6.87
C LYS A 359 21.25 -24.50 5.52
N LYS A 360 20.07 -24.64 4.91
CA LYS A 360 19.85 -24.23 3.54
C LYS A 360 18.81 -23.12 3.41
N SER A 361 17.88 -23.03 4.33
CA SER A 361 16.63 -22.29 4.08
C SER A 361 16.65 -20.97 4.84
N ARG A 362 15.74 -20.07 4.43
CA ARG A 362 15.57 -18.84 5.19
C ARG A 362 14.15 -18.35 4.97
N ILE A 363 13.72 -17.42 5.83
CA ILE A 363 12.45 -16.70 5.62
C ILE A 363 12.82 -15.26 5.29
N VAL A 364 12.14 -14.71 4.29
CA VAL A 364 12.29 -13.30 3.92
C VAL A 364 10.92 -12.69 4.07
N THR A 365 10.79 -11.74 4.99
CA THR A 365 9.51 -11.04 5.14
C THR A 365 9.66 -9.57 4.76
N ARG A 366 8.52 -8.96 4.46
CA ARG A 366 8.51 -7.52 4.17
C ARG A 366 7.31 -6.93 4.91
N ASP A 367 7.56 -6.02 5.83
CA ASP A 367 6.46 -5.49 6.65
C ASP A 367 6.95 -4.18 7.22
N ILE A 368 6.00 -3.35 7.67
CA ILE A 368 6.35 -2.19 8.45
C ILE A 368 7.11 -2.60 9.71
N VAL A 369 8.18 -1.88 9.99
CA VAL A 369 8.89 -1.92 11.29
C VAL A 369 8.64 -0.53 11.82
N LEU A 370 7.75 -0.41 12.82
CA LEU A 370 7.21 0.92 13.21
C LEU A 370 8.31 1.88 13.67
N ASP A 371 9.41 1.36 14.20
CA ASP A 371 10.49 2.23 14.62
C ASP A 371 11.67 2.27 13.63
N GLY A 372 11.48 1.73 12.41
CA GLY A 372 12.43 1.99 11.33
C GLY A 372 13.38 0.83 11.11
N GLY A 373 13.47 0.38 9.87
CA GLY A 373 14.51 -0.55 9.48
C GLY A 373 15.81 0.21 9.24
N ASP A 374 16.87 -0.53 8.94
CA ASP A 374 18.15 0.10 8.65
C ASP A 374 18.23 0.45 7.17
N PRO A 375 18.84 1.56 6.79
CA PRO A 375 19.00 1.86 5.36
C PRO A 375 19.97 0.89 4.72
N PRO A 376 19.88 0.70 3.42
CA PRO A 376 20.92 -0.07 2.71
C PRO A 376 22.29 0.46 3.08
N ALA A 377 23.28 -0.42 3.15
CA ALA A 377 24.58 -0.05 3.70
C ALA A 377 25.15 1.21 3.06
N GLU A 378 25.03 1.34 1.74
CA GLU A 378 25.48 2.50 0.96
C GLU A 378 24.88 3.80 1.47
N ASP A 379 23.66 3.73 1.99
CA ASP A 379 22.92 4.91 2.42
C ASP A 379 23.05 5.21 3.92
N ALA A 380 23.88 4.46 4.68
CA ALA A 380 23.89 4.64 6.13
C ALA A 380 24.32 6.05 6.52
N LEU A 381 23.64 6.60 7.52
CA LEU A 381 23.90 7.92 8.09
C LEU A 381 23.81 9.04 7.04
N GLU A 392 18.87 16.15 14.63
CA GLU A 392 17.68 15.36 14.31
C GLU A 392 17.58 14.05 15.14
N VAL A 393 16.48 13.90 15.88
CA VAL A 393 16.37 12.72 16.75
C VAL A 393 15.92 11.49 15.97
N TYR A 394 15.08 11.65 14.97
CA TYR A 394 14.52 10.52 14.24
C TYR A 394 15.09 10.47 12.84
N GLN A 395 15.07 9.28 12.22
CA GLN A 395 15.34 9.23 10.78
C GLN A 395 14.30 10.07 10.03
N ALA A 396 14.71 10.66 8.89
CA ALA A 396 13.80 11.46 8.08
C ALA A 396 12.56 10.65 7.76
N GLY A 397 11.39 11.25 7.93
CA GLY A 397 10.14 10.53 7.73
C GLY A 397 9.54 9.98 9.00
N LEU A 398 10.36 9.72 10.01
CA LEU A 398 9.81 9.21 11.27
C LEU A 398 9.71 10.36 12.27
N GLY A 399 9.44 10.03 13.53
CA GLY A 399 9.12 11.10 14.48
C GLY A 399 7.64 11.45 14.47
N PRO A 400 7.17 12.24 15.41
CA PRO A 400 5.72 12.34 15.61
C PRO A 400 4.98 13.04 14.48
N THR A 401 5.63 13.93 13.69
CA THR A 401 4.98 14.52 12.53
C THR A 401 5.55 14.00 11.23
N GLY A 402 6.31 12.88 11.27
CA GLY A 402 6.90 12.37 10.04
C GLY A 402 5.85 11.82 9.07
N VAL A 403 6.15 11.93 7.76
CA VAL A 403 5.19 11.45 6.77
C VAL A 403 5.21 9.92 6.66
N ILE A 404 6.32 9.29 7.04
CA ILE A 404 6.28 7.83 7.10
C ILE A 404 5.65 7.37 8.42
N THR A 405 5.86 8.10 9.53
CA THR A 405 5.04 7.83 10.72
C THR A 405 3.56 7.88 10.38
N ARG A 406 3.18 8.94 9.61
CA ARG A 406 1.77 9.10 9.27
C ARG A 406 1.24 7.97 8.38
N LEU A 407 2.01 7.56 7.36
CA LEU A 407 1.60 6.44 6.52
C LEU A 407 1.51 5.13 7.33
N ASN A 408 2.50 4.89 8.21
CA ASN A 408 2.47 3.71 9.08
C ASN A 408 1.21 3.74 9.93
N ALA A 409 0.82 4.94 10.42
CA ALA A 409 -0.37 5.05 11.25
C ALA A 409 -1.63 4.82 10.43
N GLY A 410 -1.65 5.30 9.18
CA GLY A 410 -2.82 5.02 8.33
C GLY A 410 -2.99 3.54 8.06
N ILE A 411 -1.87 2.87 7.78
CA ILE A 411 -1.94 1.43 7.57
C ILE A 411 -2.31 0.70 8.87
N ASP A 412 -1.68 1.10 9.99
CA ASP A 412 -2.00 0.50 11.29
C ASP A 412 -3.47 0.67 11.66
N LEU A 413 -4.04 1.86 11.40
CA LEU A 413 -5.44 2.06 11.74
C LEU A 413 -6.37 1.31 10.79
N GLN A 414 -5.94 1.09 9.51
CA GLN A 414 -6.71 0.23 8.61
C GLN A 414 -6.70 -1.20 9.13
N MET A 415 -5.55 -1.68 9.61
CA MET A 415 -5.50 -3.00 10.20
C MET A 415 -6.41 -3.10 11.43
N LEU A 416 -6.39 -2.06 12.26
CA LEU A 416 -7.28 -2.02 13.41
C LEU A 416 -8.74 -2.07 12.97
N ALA A 417 -9.11 -1.13 12.10
CA ALA A 417 -10.53 -0.97 11.80
C ALA A 417 -11.11 -2.19 11.08
N VAL A 418 -10.36 -2.79 10.14
CA VAL A 418 -10.91 -3.85 9.31
C VAL A 418 -10.75 -5.21 9.96
N LEU A 419 -9.67 -5.40 10.71
CA LEU A 419 -9.27 -6.74 11.14
C LEU A 419 -9.01 -6.88 12.64
N ASN A 420 -8.89 -5.78 13.40
CA ASN A 420 -8.26 -5.78 14.73
C ASN A 420 -6.83 -6.31 14.69
N ALA A 421 -6.18 -6.23 13.52
CA ALA A 421 -4.76 -6.52 13.42
C ALA A 421 -3.94 -5.25 13.72
N PHE A 422 -2.61 -5.36 13.62
CA PHE A 422 -1.76 -4.29 14.13
C PHE A 422 -0.38 -4.37 13.52
N GLU A 423 0.28 -3.21 13.37
CA GLU A 423 1.67 -3.14 12.97
C GLU A 423 2.59 -3.31 14.18
N ARG A 424 3.83 -3.65 13.87
CA ARG A 424 4.81 -4.09 14.86
C ARG A 424 6.10 -3.29 14.80
N THR A 425 6.76 -3.18 15.98
CA THR A 425 8.13 -2.65 16.03
C THR A 425 9.15 -3.76 15.72
N ARG A 426 10.43 -3.37 15.58
CA ARG A 426 11.45 -4.40 15.31
C ARG A 426 11.49 -5.42 16.44
N GLU A 427 11.48 -4.94 17.69
CA GLU A 427 11.49 -5.87 18.82
C GLU A 427 10.25 -6.76 18.82
N ASP A 428 9.09 -6.22 18.42
CA ASP A 428 7.91 -7.08 18.30
C ASP A 428 8.16 -8.22 17.32
N TRP A 429 8.71 -7.90 16.12
CA TRP A 429 8.99 -8.95 15.13
C TRP A 429 9.95 -9.99 15.68
N ILE A 430 11.04 -9.54 16.32
CA ILE A 430 12.03 -10.50 16.85
C ILE A 430 11.41 -11.42 17.88
N THR A 431 10.63 -10.84 18.82
CA THR A 431 9.96 -11.61 19.85
C THR A 431 9.01 -12.60 19.24
N LEU A 432 8.30 -12.19 18.20
CA LEU A 432 7.33 -13.06 17.56
C LEU A 432 8.01 -14.27 16.95
N PHE A 433 9.01 -14.04 16.12
CA PHE A 433 9.75 -15.13 15.49
C PHE A 433 10.38 -16.06 16.55
N LYS A 434 10.99 -15.47 17.60
CA LYS A 434 11.61 -16.35 18.60
C LYS A 434 10.58 -17.16 19.35
N THR A 435 9.37 -16.64 19.57
CA THR A 435 8.32 -17.45 20.17
C THR A 435 7.91 -18.58 19.23
N ALA A 436 7.84 -18.30 17.94
CA ALA A 436 7.52 -19.36 17.01
C ALA A 436 8.57 -20.48 17.05
N ASP A 437 9.84 -20.10 17.03
CA ASP A 437 10.94 -21.06 17.06
C ASP A 437 12.12 -20.32 17.67
N PRO A 438 12.62 -20.73 18.82
CA PRO A 438 13.72 -19.99 19.43
C PRO A 438 15.01 -19.98 18.65
N ARG A 439 15.08 -20.73 17.57
CA ARG A 439 16.26 -20.78 16.73
C ARG A 439 16.30 -19.63 15.72
N PHE A 440 15.19 -18.90 15.59
CA PHE A 440 15.14 -17.80 14.67
C PHE A 440 16.01 -16.62 15.05
N VAL A 441 16.79 -16.16 14.10
CA VAL A 441 17.66 -15.00 14.24
C VAL A 441 17.35 -14.04 13.10
N LEU A 442 17.22 -12.75 13.41
CA LEU A 442 17.09 -11.69 12.42
C LEU A 442 18.46 -11.30 11.89
N LYS A 443 18.72 -11.58 10.64
CA LYS A 443 20.01 -11.31 10.03
C LYS A 443 20.10 -9.95 9.34
N ALA A 444 18.96 -9.38 8.93
CA ALA A 444 18.97 -8.09 8.26
C ALA A 444 17.56 -7.56 8.33
N CYS A 445 17.46 -6.21 8.38
CA CYS A 445 16.16 -5.49 8.47
C CYS A 445 16.36 -4.18 7.73
N ILE A 446 16.05 -4.17 6.43
CA ILE A 446 16.50 -3.09 5.57
C ILE A 446 15.28 -2.34 5.03
N GLN A 447 15.26 -1.02 5.24
CA GLN A 447 14.19 -0.16 4.77
C GLN A 447 14.78 0.90 3.86
N THR A 448 14.35 0.96 2.60
CA THR A 448 14.85 2.01 1.73
C THR A 448 14.18 3.34 2.07
N VAL A 449 14.95 4.44 1.97
CA VAL A 449 14.41 5.76 2.28
C VAL A 449 13.30 6.11 1.30
N GLY A 450 12.13 6.49 1.82
CA GLY A 450 10.95 6.75 1.02
C GLY A 450 9.91 5.65 1.12
N ASP A 451 10.29 4.47 1.61
CA ASP A 451 9.38 3.36 1.81
C ASP A 451 8.98 3.28 3.27
N CYS A 452 7.84 2.63 3.55
CA CYS A 452 7.48 2.35 4.92
C CYS A 452 7.83 0.91 5.37
N ALA A 453 8.08 0.03 4.42
CA ALA A 453 8.29 -1.37 4.77
C ALA A 453 9.77 -1.72 4.76
N SER A 454 10.13 -2.69 5.60
CA SER A 454 11.49 -3.27 5.69
C SER A 454 11.48 -4.68 5.14
N VAL A 455 12.62 -5.08 4.54
CA VAL A 455 12.80 -6.49 4.16
C VAL A 455 13.68 -7.12 5.22
N MET A 456 13.13 -8.15 5.86
CA MET A 456 13.77 -8.81 6.97
C MET A 456 14.14 -10.23 6.57
N GLU A 457 15.36 -10.63 6.94
CA GLU A 457 15.86 -11.94 6.59
C GLU A 457 16.05 -12.74 7.85
N TRP A 458 15.45 -13.93 7.91
CA TRP A 458 15.40 -14.73 9.13
C TRP A 458 15.99 -16.11 8.87
N VAL A 459 16.84 -16.59 9.77
CA VAL A 459 17.39 -17.93 9.60
C VAL A 459 17.23 -18.68 10.90
N LEU A 460 17.31 -20.00 10.83
CA LEU A 460 17.28 -20.86 12.02
C LEU A 460 18.73 -21.20 12.37
N GLU A 461 19.21 -20.66 13.49
CA GLU A 461 20.57 -20.93 13.96
C GLU A 461 20.52 -21.92 15.09
N GLU A 462 21.21 -23.05 14.91
CA GLU A 462 21.21 -24.15 15.86
C GLU A 462 22.07 -23.86 17.07
C1 F56 B . -6.91 -5.52 3.94
C2 F56 B . -7.92 -4.63 3.55
C4 F56 B . -6.33 -2.89 3.15
C5 F56 B . -5.30 -3.75 3.57
C6 F56 B . -5.63 -5.06 3.89
C7 F56 B . -3.83 -3.36 3.66
C8 F56 B . -3.41 -1.92 3.45
C9 F56 B . -1.92 -1.77 3.21
C10 F56 B . -1.42 -2.39 1.89
C11 F56 B . 0.09 -2.14 1.72
C12 F56 B . 0.90 -2.78 2.83
C13 F56 B . 1.68 -2.06 3.57
C14 F56 B . 2.53 -2.60 4.69
C18 F56 B . -3.78 -1.16 4.76
C19 F56 B . -2.07 -1.72 0.65
N3 F56 B . -7.62 -3.34 3.24
O15 F56 B . -4.63 -5.95 4.26
O16 F56 B . -2.99 -4.15 4.08
O17 F56 B . -6.15 -1.70 2.81
N1 IMD C . -21.71 -5.45 4.98
C2 IMD C . -22.71 -4.58 4.75
N3 IMD C . -22.72 -3.67 5.75
C4 IMD C . -21.75 -3.94 6.64
C5 IMD C . -21.11 -5.07 6.12
C1 GOL D . -7.24 -13.19 5.95
O1 GOL D . -6.85 -13.90 4.89
C2 GOL D . -6.02 -12.94 6.85
O2 GOL D . -5.71 -14.08 7.56
C3 GOL D . -6.39 -11.77 7.81
O3 GOL D . -7.33 -12.22 8.73
C1 B3P E . -20.20 -5.88 -21.35
C2 B3P E . -20.94 -6.20 -20.10
C3 B3P E . -20.19 -7.25 -21.90
N1 B3P E . -20.50 -7.14 -23.26
C4 B3P E . -19.46 -7.13 -24.23
C5 B3P E . -18.70 -5.87 -23.91
C6 B3P E . -18.60 -8.40 -24.20
C7 B3P E . -20.07 -7.11 -25.60
N2 B3P E . -20.41 -5.38 -19.05
C8 B3P E . -21.36 -5.07 -18.01
C9 B3P E . -20.56 -4.35 -16.96
C10 B3P E . -22.10 -6.33 -17.51
C11 B3P E . -22.41 -4.14 -18.57
O1 B3P E . -21.39 -4.04 -15.87
O2 B3P E . -21.25 -7.46 -17.37
O3 B3P E . -21.68 -3.02 -19.02
O4 B3P E . -17.90 -6.04 -22.76
O5 B3P E . -19.46 -9.52 -23.99
O6 B3P E . -20.98 -6.04 -25.67
#